data_4L6E
#
_entry.id   4L6E
#
_cell.length_a   69.481
_cell.length_b   69.481
_cell.length_c   152.550
_cell.angle_alpha   90.000
_cell.angle_beta   90.000
_cell.angle_gamma   120.000
#
_symmetry.space_group_name_H-M   'P 61 2 2'
#
loop_
_entity.id
_entity.type
_entity.pdbx_description
1 polymer 'E3 SUMO-protein ligase RanBP2'
2 water water
#
_entity_poly.entity_id   1
_entity_poly.type   'polypeptide(L)'
_entity_poly.pdbx_seq_one_letter_code
;(MSE)GHHHHHHSH(MSE)NEDIHFEPIVSLPEVEVKSGEEDEEILFKERAKLYRWDRDVSQWKERGVGDIKILWHT
(MSE)KNYYRIL(MSE)RRDQVFKVCANHVITKT(MSE)ELKPLNVSNNALVWTASDYADGEAKVEQLAVRFKTKEVADC
FKKTFEECQQNL(MSE)KLQKG
;
_entity_poly.pdbx_strand_id   A
#
# COMPACT_ATOMS: atom_id res chain seq x y z
N SER A 30 -16.92 -1.87 -3.25
CA SER A 30 -17.88 -1.83 -4.35
C SER A 30 -17.22 -1.35 -5.65
N GLY A 31 -16.33 -0.36 -5.52
CA GLY A 31 -15.58 0.16 -6.64
C GLY A 31 -14.37 -0.70 -6.98
N GLU A 32 -14.45 -2.00 -6.71
CA GLU A 32 -13.36 -2.91 -6.95
C GLU A 32 -13.89 -4.12 -7.70
N GLU A 33 -14.96 -3.90 -8.48
CA GLU A 33 -15.66 -4.96 -9.18
C GLU A 33 -14.79 -5.68 -10.20
N ASP A 34 -13.90 -4.92 -10.84
CA ASP A 34 -13.11 -5.44 -11.95
C ASP A 34 -11.72 -5.91 -11.53
N GLU A 35 -11.52 -6.08 -10.23
CA GLU A 35 -10.21 -6.40 -9.68
C GLU A 35 -10.21 -7.62 -8.77
N GLU A 36 -9.23 -8.50 -8.99
CA GLU A 36 -9.03 -9.63 -8.11
C GLU A 36 -8.14 -9.23 -6.93
N ILE A 37 -8.45 -9.79 -5.76
CA ILE A 37 -7.71 -9.43 -4.56
C ILE A 37 -6.49 -10.33 -4.43
N LEU A 38 -5.31 -9.72 -4.45
CA LEU A 38 -4.07 -10.49 -4.36
C LEU A 38 -3.60 -10.61 -2.91
N PHE A 39 -4.13 -9.76 -2.03
CA PHE A 39 -3.68 -9.67 -0.66
C PHE A 39 -4.64 -8.80 0.11
N LYS A 40 -4.96 -9.21 1.34
CA LYS A 40 -5.87 -8.46 2.17
C LYS A 40 -5.68 -8.81 3.64
N GLU A 41 -4.99 -7.93 4.39
CA GLU A 41 -4.75 -8.09 5.84
C GLU A 41 -4.89 -6.77 6.63
N ARG A 42 -5.06 -6.89 7.95
CA ARG A 42 -5.22 -5.73 8.83
C ARG A 42 -3.90 -4.97 8.91
N ALA A 43 -3.99 -3.64 8.99
CA ALA A 43 -2.78 -2.85 9.08
C ALA A 43 -3.03 -1.48 9.71
N LYS A 44 -1.92 -0.83 10.04
CA LYS A 44 -1.89 0.56 10.48
C LYS A 44 -1.01 1.29 9.50
N LEU A 45 -1.45 2.48 9.09
CA LEU A 45 -0.79 3.22 8.02
C LEU A 45 -0.43 4.59 8.54
N TYR A 46 0.77 5.02 8.18
CA TYR A 46 1.32 6.27 8.68
C TYR A 46 1.82 7.08 7.52
N ARG A 47 1.88 8.38 7.70
CA ARG A 47 2.44 9.26 6.70
C ARG A 47 3.51 10.10 7.37
N TRP A 48 4.62 10.29 6.68
CA TRP A 48 5.70 11.11 7.19
C TRP A 48 5.38 12.58 7.07
N ASP A 49 5.30 13.23 8.23
CA ASP A 49 5.10 14.68 8.30
C ASP A 49 6.46 15.37 8.18
N ARG A 50 6.65 16.09 7.08
CA ARG A 50 7.96 16.67 6.77
C ARG A 50 8.15 18.02 7.46
N ASP A 51 7.53 18.17 8.63
CA ASP A 51 7.72 19.36 9.47
C ASP A 51 8.16 18.90 10.86
N VAL A 52 7.19 18.37 11.60
CA VAL A 52 7.42 17.82 12.94
C VAL A 52 8.35 16.61 12.89
N SER A 53 8.79 16.24 11.68
CA SER A 53 9.65 15.08 11.42
C SER A 53 9.25 13.83 12.20
N GLN A 54 8.03 13.35 11.95
CA GLN A 54 7.56 12.13 12.58
C GLN A 54 6.43 11.48 11.79
N TRP A 55 6.15 10.22 12.11
CA TRP A 55 5.08 9.48 11.49
C TRP A 55 3.73 9.81 12.13
N LYS A 56 2.78 10.27 11.32
CA LYS A 56 1.43 10.57 11.80
C LYS A 56 0.45 9.50 11.31
N GLU A 57 -0.34 8.94 12.22
CA GLU A 57 -1.19 7.83 11.85
C GLU A 57 -2.18 8.27 10.79
N ARG A 58 -2.43 7.41 9.82
CA ARG A 58 -3.22 7.77 8.66
C ARG A 58 -4.47 6.92 8.58
N GLY A 59 -4.44 5.72 9.15
CA GLY A 59 -5.64 4.92 9.21
C GLY A 59 -5.40 3.49 9.69
N VAL A 60 -6.47 2.82 10.09
CA VAL A 60 -6.43 1.44 10.53
C VAL A 60 -7.57 0.67 9.84
N GLY A 61 -7.29 -0.49 9.27
CA GLY A 61 -8.28 -1.29 8.56
C GLY A 61 -7.62 -2.29 7.62
N ASP A 62 -8.38 -2.95 6.76
CA ASP A 62 -7.76 -3.88 5.80
C ASP A 62 -7.05 -3.14 4.66
N ILE A 63 -5.86 -3.59 4.30
CA ILE A 63 -5.17 -3.04 3.16
C ILE A 63 -5.13 -4.11 2.07
N LYS A 64 -5.38 -3.71 0.81
CA LYS A 64 -5.39 -4.67 -0.27
C LYS A 64 -4.35 -4.42 -1.36
N ILE A 65 -3.91 -5.49 -2.01
CA ILE A 65 -3.26 -5.39 -3.31
C ILE A 65 -4.23 -5.95 -4.37
N LEU A 66 -4.61 -5.12 -5.33
CA LEU A 66 -5.64 -5.50 -6.30
C LEU A 66 -5.06 -5.63 -7.69
N TRP A 67 -5.67 -6.50 -8.50
CA TRP A 67 -5.20 -6.67 -9.87
C TRP A 67 -6.34 -6.54 -10.87
N HIS A 68 -6.25 -5.52 -11.73
CA HIS A 68 -7.29 -5.29 -12.75
C HIS A 68 -7.06 -6.25 -13.90
N THR A 69 -7.91 -7.27 -13.98
CA THR A 69 -7.66 -8.39 -14.88
C THR A 69 -7.50 -8.00 -16.35
N MSE A 70 -8.41 -7.17 -16.84
CA MSE A 70 -8.48 -6.85 -18.28
C MSE A 70 -7.49 -5.75 -18.68
O MSE A 70 -6.92 -5.79 -19.78
CB MSE A 70 -9.90 -6.45 -18.66
CG MSE A 70 -10.98 -7.50 -18.32
SE MSE A 70 -10.52 -9.39 -18.79
CE MSE A 70 -9.88 -9.14 -20.61
N LYS A 71 -7.29 -4.78 -17.80
CA LYS A 71 -6.44 -3.64 -18.09
C LYS A 71 -5.03 -3.87 -17.59
N ASN A 72 -4.83 -4.94 -16.83
CA ASN A 72 -3.51 -5.38 -16.39
C ASN A 72 -2.67 -4.36 -15.62
N TYR A 73 -3.23 -3.83 -14.54
CA TYR A 73 -2.47 -2.96 -13.62
C TYR A 73 -2.72 -3.37 -12.18
N TYR A 74 -1.82 -2.96 -11.29
CA TYR A 74 -1.91 -3.35 -9.88
C TYR A 74 -2.13 -2.12 -9.01
N ARG A 75 -2.78 -2.31 -7.88
CA ARG A 75 -3.15 -1.14 -7.10
C ARG A 75 -3.16 -1.40 -5.60
N ILE A 76 -2.73 -0.42 -4.82
CA ILE A 76 -2.94 -0.46 -3.38
C ILE A 76 -4.22 0.28 -3.04
N LEU A 77 -5.03 -0.31 -2.17
CA LEU A 77 -6.26 0.34 -1.75
C LEU A 77 -6.51 -0.03 -0.30
N MSE A 78 -6.90 0.95 0.50
CA MSE A 78 -7.12 0.74 1.91
C MSE A 78 -8.16 1.71 2.44
O MSE A 78 -8.04 2.93 2.27
CB MSE A 78 -5.82 0.90 2.67
CG MSE A 78 -5.92 0.56 4.15
SE MSE A 78 -4.37 1.04 5.30
CE MSE A 78 -5.00 0.21 6.95
N ARG A 79 -9.19 1.17 3.09
CA ARG A 79 -10.21 1.99 3.74
C ARG A 79 -10.17 1.86 5.26
N ARG A 80 -10.41 2.98 5.94
CA ARG A 80 -10.43 3.02 7.41
C ARG A 80 -11.58 2.19 7.97
N ASP A 81 -11.41 1.68 9.18
CA ASP A 81 -12.34 0.72 9.78
C ASP A 81 -13.82 1.13 9.88
N GLN A 82 -14.11 2.13 10.71
CA GLN A 82 -15.50 2.48 10.98
C GLN A 82 -16.13 3.31 9.86
N VAL A 83 -15.48 4.43 9.53
CA VAL A 83 -16.01 5.41 8.59
C VAL A 83 -15.97 4.96 7.13
N PHE A 84 -15.04 4.06 6.82
CA PHE A 84 -14.77 3.59 5.46
C PHE A 84 -14.19 4.63 4.48
N LYS A 85 -13.59 5.70 5.02
CA LYS A 85 -12.82 6.62 4.20
C LYS A 85 -11.58 5.94 3.62
N VAL A 86 -11.25 6.27 2.38
CA VAL A 86 -10.01 5.82 1.78
C VAL A 86 -8.84 6.45 2.54
N CYS A 87 -7.87 5.62 2.97
CA CYS A 87 -6.63 6.17 3.54
C CYS A 87 -5.41 5.87 2.67
N ALA A 88 -5.60 5.06 1.63
CA ALA A 88 -4.53 4.90 0.63
C ALA A 88 -5.18 4.41 -0.62
N ASN A 89 -4.72 4.92 -1.76
CA ASN A 89 -5.17 4.46 -3.09
C ASN A 89 -4.20 4.90 -4.19
N HIS A 90 -3.45 3.96 -4.76
CA HIS A 90 -2.53 4.32 -5.83
C HIS A 90 -2.10 3.11 -6.61
N VAL A 91 -1.82 3.32 -7.88
CA VAL A 91 -1.30 2.27 -8.75
C VAL A 91 0.15 1.92 -8.39
N ILE A 92 0.49 0.64 -8.44
CA ILE A 92 1.87 0.22 -8.19
C ILE A 92 2.74 0.49 -9.42
N THR A 93 3.88 1.15 -9.22
CA THR A 93 4.83 1.38 -10.31
C THR A 93 6.11 0.59 -10.12
N LYS A 94 6.86 0.45 -11.21
CA LYS A 94 8.07 -0.36 -11.19
C LYS A 94 9.23 0.35 -10.50
N THR A 95 9.08 1.65 -10.24
CA THR A 95 10.13 2.40 -9.55
C THR A 95 9.91 2.55 -8.04
N MSE A 96 8.76 2.13 -7.53
CA MSE A 96 8.55 2.17 -6.10
C MSE A 96 9.51 1.20 -5.43
O MSE A 96 9.83 0.16 -6.00
CB MSE A 96 7.12 1.77 -5.76
CG MSE A 96 6.08 2.77 -6.18
SE MSE A 96 4.29 2.17 -5.70
CE MSE A 96 3.36 3.80 -6.25
N GLU A 97 9.95 1.54 -4.21
CA GLU A 97 10.88 0.72 -3.44
C GLU A 97 10.38 0.42 -2.03
N LEU A 98 9.80 -0.76 -1.84
CA LEU A 98 9.29 -1.19 -0.52
C LEU A 98 10.40 -1.76 0.33
N LYS A 99 10.93 -0.99 1.28
CA LYS A 99 11.93 -1.48 2.24
C LYS A 99 11.43 -1.48 3.69
N PRO A 100 12.08 -2.25 4.57
CA PRO A 100 11.72 -2.21 6.00
C PRO A 100 12.01 -0.85 6.64
N LEU A 101 11.28 -0.53 7.71
CA LEU A 101 11.50 0.70 8.51
C LEU A 101 12.70 0.66 9.41
N ASN A 102 13.87 0.54 8.78
CA ASN A 102 15.09 0.12 9.44
C ASN A 102 14.76 -1.25 10.00
N VAL A 103 15.29 -1.56 11.17
CA VAL A 103 15.44 -2.95 11.62
C VAL A 103 14.13 -3.68 11.97
N SER A 104 13.00 -3.03 11.73
CA SER A 104 11.69 -3.61 12.01
C SER A 104 11.42 -4.92 11.27
N ASN A 105 10.52 -5.74 11.82
CA ASN A 105 10.05 -6.96 11.16
C ASN A 105 8.56 -6.88 10.85
N ASN A 106 7.95 -5.76 11.20
CA ASN A 106 6.52 -5.59 11.07
C ASN A 106 6.15 -4.44 10.11
N ALA A 107 7.11 -3.54 9.90
CA ALA A 107 6.81 -2.31 9.21
C ALA A 107 7.65 -2.09 7.99
N LEU A 108 6.96 -1.69 6.91
CA LEU A 108 7.54 -1.46 5.60
C LEU A 108 7.25 -0.03 5.16
N VAL A 109 8.05 0.47 4.24
CA VAL A 109 8.07 1.89 3.95
C VAL A 109 8.24 2.11 2.45
N TRP A 110 7.51 3.07 1.89
CA TRP A 110 7.64 3.39 0.46
C TRP A 110 7.07 4.76 0.09
N THR A 111 7.48 5.28 -1.05
CA THR A 111 6.96 6.55 -1.51
C THR A 111 5.93 6.32 -2.63
N ALA A 112 4.76 6.94 -2.52
CA ALA A 112 3.73 6.79 -3.55
C ALA A 112 3.01 8.10 -3.78
N SER A 113 2.62 8.30 -5.03
CA SER A 113 1.80 9.43 -5.40
C SER A 113 0.34 8.99 -5.12
N ASP A 114 -0.20 9.42 -3.99
CA ASP A 114 -1.41 8.81 -3.47
C ASP A 114 -2.65 9.69 -3.59
N TYR A 115 -3.82 9.06 -3.70
CA TYR A 115 -5.08 9.77 -3.99
C TYR A 115 -6.05 9.95 -2.81
N ALA A 116 -5.72 9.44 -1.63
CA ALA A 116 -6.67 9.47 -0.51
C ALA A 116 -7.38 10.81 -0.21
N ASP A 117 -6.67 11.92 -0.37
CA ASP A 117 -7.19 13.25 -0.09
C ASP A 117 -7.98 13.87 -1.26
N GLY A 118 -8.17 13.11 -2.34
CA GLY A 118 -9.01 13.56 -3.43
C GLY A 118 -8.18 14.07 -4.58
N GLU A 119 -6.86 14.03 -4.42
CA GLU A 119 -5.91 14.34 -5.50
C GLU A 119 -4.54 13.65 -5.26
N ALA A 120 -3.78 13.49 -6.34
CA ALA A 120 -2.50 12.81 -6.28
C ALA A 120 -1.50 13.67 -5.55
N LYS A 121 -0.92 13.17 -4.45
CA LYS A 121 0.14 13.84 -3.70
C LYS A 121 1.22 12.83 -3.39
N VAL A 122 2.47 13.18 -3.63
CA VAL A 122 3.61 12.31 -3.35
C VAL A 122 3.81 12.22 -1.85
N GLU A 123 3.64 11.03 -1.28
CA GLU A 123 3.72 10.85 0.17
C GLU A 123 4.73 9.77 0.53
N GLN A 124 5.34 9.90 1.71
CA GLN A 124 6.15 8.81 2.23
C GLN A 124 5.35 8.01 3.21
N LEU A 125 5.12 6.74 2.89
CA LEU A 125 4.19 5.92 3.66
C LEU A 125 4.90 4.84 4.44
N ALA A 126 4.30 4.46 5.58
CA ALA A 126 4.74 3.31 6.35
C ALA A 126 3.52 2.50 6.76
N VAL A 127 3.62 1.19 6.61
CA VAL A 127 2.52 0.31 6.95
C VAL A 127 3.07 -0.76 7.87
N ARG A 128 2.34 -1.06 8.94
CA ARG A 128 2.82 -2.00 9.92
C ARG A 128 1.81 -3.12 10.11
N PHE A 129 2.28 -4.35 10.04
CA PHE A 129 1.37 -5.49 10.14
C PHE A 129 1.44 -6.14 11.52
N LYS A 130 0.41 -6.91 11.85
CA LYS A 130 0.32 -7.67 13.10
C LYS A 130 1.53 -8.59 13.36
N THR A 131 1.87 -9.44 12.39
CA THR A 131 2.96 -10.39 12.57
C THR A 131 4.06 -10.14 11.53
N LYS A 132 5.21 -10.80 11.72
CA LYS A 132 6.31 -10.71 10.77
C LYS A 132 5.94 -11.46 9.49
N GLU A 133 5.10 -12.46 9.65
CA GLU A 133 4.74 -13.36 8.57
C GLU A 133 3.94 -12.60 7.53
N VAL A 134 2.87 -11.95 7.98
CA VAL A 134 2.04 -11.10 7.12
C VAL A 134 2.88 -10.04 6.39
N ALA A 135 3.74 -9.34 7.12
CA ALA A 135 4.59 -8.34 6.48
C ALA A 135 5.41 -8.91 5.33
N ASP A 136 5.90 -10.14 5.50
CA ASP A 136 6.74 -10.81 4.51
C ASP A 136 5.90 -11.11 3.29
N CYS A 137 4.68 -11.57 3.54
CA CYS A 137 3.77 -11.93 2.48
C CYS A 137 3.40 -10.68 1.66
N PHE A 138 3.10 -9.58 2.35
CA PHE A 138 2.82 -8.33 1.68
C PHE A 138 3.98 -7.86 0.81
N LYS A 139 5.19 -7.98 1.31
CA LYS A 139 6.36 -7.59 0.54
C LYS A 139 6.46 -8.47 -0.70
N LYS A 140 6.28 -9.76 -0.50
CA LYS A 140 6.52 -10.72 -1.56
C LYS A 140 5.51 -10.52 -2.68
N THR A 141 4.26 -10.33 -2.29
CA THR A 141 3.21 -10.08 -3.28
C THR A 141 3.49 -8.77 -4.01
N PHE A 142 3.80 -7.73 -3.26
CA PHE A 142 4.05 -6.43 -3.84
C PHE A 142 5.16 -6.55 -4.88
N GLU A 143 6.21 -7.29 -4.54
CA GLU A 143 7.33 -7.42 -5.45
C GLU A 143 6.97 -8.25 -6.67
N GLU A 144 6.16 -9.30 -6.46
CA GLU A 144 5.65 -10.11 -7.57
C GLU A 144 4.96 -9.25 -8.62
N CYS A 145 4.04 -8.39 -8.19
CA CYS A 145 3.33 -7.45 -9.07
C CYS A 145 4.31 -6.62 -9.88
N GLN A 146 5.30 -6.04 -9.21
CA GLN A 146 6.28 -5.21 -9.90
C GLN A 146 7.04 -5.97 -10.98
N GLN A 147 7.30 -7.25 -10.72
CA GLN A 147 8.06 -8.07 -11.66
C GLN A 147 7.24 -8.23 -12.93
N ASN A 148 5.97 -8.58 -12.76
CA ASN A 148 5.01 -8.63 -13.86
C ASN A 148 4.96 -7.34 -14.70
N LEU A 149 5.19 -6.21 -14.05
CA LEU A 149 5.28 -4.96 -14.77
C LEU A 149 6.43 -4.98 -15.77
N MSE A 150 7.56 -5.53 -15.35
CA MSE A 150 8.72 -5.61 -16.24
C MSE A 150 8.60 -6.73 -17.28
O MSE A 150 8.99 -6.54 -18.43
CB MSE A 150 9.99 -5.75 -15.42
CG MSE A 150 10.29 -4.53 -14.57
SE MSE A 150 11.23 -5.05 -12.93
CE MSE A 150 11.38 -3.30 -12.07
N LYS A 151 8.06 -7.88 -16.89
CA LYS A 151 7.87 -8.99 -17.83
C LYS A 151 7.14 -8.56 -19.10
N LEU A 152 6.34 -7.50 -19.02
CA LEU A 152 5.56 -7.04 -20.16
C LEU A 152 6.15 -5.81 -20.86
N GLN A 153 7.11 -5.16 -20.21
CA GLN A 153 7.75 -3.97 -20.79
C GLN A 153 8.63 -4.32 -22.00
#